data_7DNC
#
_entry.id   7DNC
#
_cell.length_a   95.034
_cell.length_b   95.034
_cell.length_c   34.067
_cell.angle_alpha   90.000
_cell.angle_beta   90.000
_cell.angle_gamma   120.000
#
_symmetry.space_group_name_H-M   'P 62'
#
loop_
_entity.id
_entity.type
_entity.pdbx_description
1 polymer '3C protease'
2 non-polymer ~{N}-[(2~{S})-1-oxidanylidene-1-[[(2~{S})-1-oxidanylidene-3-[(3~{S})-2-oxidanylidenepyrrolidin-3-yl]propan-2-yl]amino]-3-phenyl-propan-2-yl]-1~{H}-indole-2-carboxamide
3 water water
#
_entity_poly.entity_id   1
_entity_poly.type   'polypeptide(L)'
_entity_poly.pdbx_seq_one_letter_code
;GPSLDFALSLLRRNIRQVQTDQGHFTMLGVRDRLAVLPRHSQPGKTIWVEHKLVSVLDAVELVDEQGVNLELTLITLDTN
EKFRDITKFIPENISTASDATLVINTEHMPSMFVPVGDVVQYGFLNLSGKPTHRTMMYNFPTKAGQCGGVVTSVGKVVGI
HIGGNGRQGFCAGLKRSYFASEQ
;
_entity_poly.pdbx_strand_id   A
#
loop_
_chem_comp.id
_chem_comp.type
_chem_comp.name
_chem_comp.formula
A1L6N peptide-like ~{N}-[(2~{S})-1-oxidanylidene-1-[[(2~{S})-1-oxidanylidene-3-[(3~{S})-2-oxidanylidenepyrrolidin-3-yl]propan-2-yl]amino]-3-phenyl-propan-2-yl]-1~{H}-indole-2-carboxamide 'C25 H26 N4 O4'
#
# COMPACT_ATOMS: atom_id res chain seq x y z
N SER A 3 14.05 14.44 -4.21
CA SER A 3 13.17 15.26 -3.39
C SER A 3 12.26 14.40 -2.52
N LEU A 4 12.21 14.71 -1.23
CA LEU A 4 11.38 13.98 -0.28
C LEU A 4 10.04 14.64 0.00
N ASP A 5 9.79 15.81 -0.60
CA ASP A 5 8.68 16.66 -0.15
C ASP A 5 7.34 15.96 -0.29
N PHE A 6 7.08 15.38 -1.46
CA PHE A 6 5.79 14.74 -1.67
C PHE A 6 5.60 13.56 -0.73
N ALA A 7 6.61 12.69 -0.67
CA ALA A 7 6.58 11.56 0.25
C ALA A 7 6.34 12.02 1.68
N LEU A 8 7.00 13.11 2.09
CA LEU A 8 6.82 13.63 3.43
C LEU A 8 5.38 14.06 3.67
N SER A 9 4.78 14.75 2.70
CA SER A 9 3.40 15.20 2.88
C SER A 9 2.46 14.02 3.10
N LEU A 10 2.72 12.91 2.40
CA LEU A 10 1.92 11.71 2.60
C LEU A 10 2.17 11.07 3.96
N LEU A 11 3.43 11.05 4.40
CA LEU A 11 3.73 10.54 5.74
C LEU A 11 2.98 11.31 6.81
N ARG A 12 2.91 12.63 6.68
CA ARG A 12 2.24 13.43 7.70
CA ARG A 12 2.24 13.45 7.68
C ARG A 12 0.75 13.17 7.72
N ARG A 13 0.12 13.06 6.56
CA ARG A 13 -1.32 13.11 6.52
C ARG A 13 -2.01 11.82 6.13
N ASN A 14 -1.28 10.83 5.63
CA ASN A 14 -1.94 9.67 5.07
C ASN A 14 -1.33 8.32 5.44
N ILE A 15 -0.09 8.23 5.86
CA ILE A 15 0.61 6.95 5.97
C ILE A 15 0.86 6.67 7.44
N ARG A 16 0.37 5.51 7.92
CA ARG A 16 0.31 5.22 9.35
C ARG A 16 0.95 3.88 9.68
N GLN A 17 1.56 3.80 10.86
CA GLN A 17 2.12 2.57 11.38
C GLN A 17 1.00 1.69 11.94
N VAL A 18 0.90 0.44 11.47
CA VAL A 18 -0.13 -0.44 11.98
C VAL A 18 0.43 -1.80 12.36
N GLN A 19 -0.35 -2.52 13.17
CA GLN A 19 -0.11 -3.91 13.49
C GLN A 19 -1.41 -4.68 13.35
N THR A 20 -1.35 -5.80 12.64
CA THR A 20 -2.41 -6.79 12.60
C THR A 20 -1.89 -8.09 13.19
N ASP A 21 -2.74 -9.12 13.17
CA ASP A 21 -2.30 -10.44 13.62
C ASP A 21 -1.19 -11.02 12.76
N GLN A 22 -0.90 -10.41 11.61
CA GLN A 22 0.20 -10.81 10.74
C GLN A 22 1.48 -10.03 10.98
N GLY A 23 1.46 -9.02 11.85
CA GLY A 23 2.66 -8.27 12.16
C GLY A 23 2.53 -6.80 11.81
N HIS A 24 3.66 -6.19 11.49
CA HIS A 24 3.77 -4.75 11.28
C HIS A 24 3.65 -4.41 9.81
N PHE A 25 2.84 -3.40 9.51
CA PHE A 25 2.61 -2.96 8.14
C PHE A 25 2.46 -1.45 8.09
N THR A 26 2.62 -0.91 6.89
CA THR A 26 2.33 0.49 6.59
C THR A 26 0.93 0.55 6.00
N MET A 27 0.11 1.49 6.50
CA MET A 27 -1.25 1.67 6.01
C MET A 27 -1.35 3.00 5.29
N LEU A 28 -2.02 3.01 4.13
CA LEU A 28 -2.26 4.24 3.37
C LEU A 28 -3.73 4.62 3.52
N GLY A 29 -3.99 5.73 4.21
CA GLY A 29 -5.32 6.32 4.20
C GLY A 29 -5.51 7.12 2.93
N VAL A 30 -6.65 6.93 2.26
CA VAL A 30 -6.88 7.49 0.94
C VAL A 30 -7.84 8.67 0.96
N ARG A 31 -8.94 8.57 1.71
CA ARG A 31 -9.92 9.64 1.85
C ARG A 31 -10.87 9.20 2.95
N ASP A 32 -11.54 10.15 3.57
CA ASP A 32 -12.58 9.84 4.54
C ASP A 32 -12.07 8.84 5.57
N ARG A 33 -12.75 7.69 5.71
CA ARG A 33 -12.31 6.62 6.62
C ARG A 33 -11.73 5.42 5.89
N LEU A 34 -11.39 5.59 4.61
CA LEU A 34 -11.02 4.50 3.73
C LEU A 34 -9.51 4.40 3.65
N ALA A 35 -8.98 3.21 3.90
CA ALA A 35 -7.54 2.98 3.83
C ALA A 35 -7.29 1.68 3.09
N VAL A 36 -6.04 1.48 2.69
CA VAL A 36 -5.64 0.28 1.97
C VAL A 36 -4.44 -0.35 2.67
N LEU A 37 -4.44 -1.67 2.69
CA LEU A 37 -3.39 -2.53 3.24
C LEU A 37 -3.08 -3.63 2.26
N PRO A 38 -1.89 -4.24 2.35
CA PRO A 38 -1.65 -5.47 1.59
C PRO A 38 -2.59 -6.56 2.11
N ARG A 39 -3.13 -7.35 1.19
CA ARG A 39 -4.13 -8.34 1.59
C ARG A 39 -3.60 -9.29 2.66
N HIS A 40 -2.35 -9.76 2.51
CA HIS A 40 -1.82 -10.74 3.45
C HIS A 40 -1.67 -10.19 4.87
N SER A 41 -1.84 -8.88 5.09
CA SER A 41 -1.88 -8.39 6.46
C SER A 41 -3.14 -8.81 7.19
N GLN A 42 -4.17 -9.23 6.47
CA GLN A 42 -5.39 -9.80 7.05
C GLN A 42 -5.96 -8.98 8.20
N PRO A 43 -6.30 -7.71 7.97
CA PRO A 43 -6.91 -6.91 9.03
C PRO A 43 -8.20 -7.56 9.53
N GLY A 44 -8.34 -7.60 10.84
CA GLY A 44 -9.48 -8.22 11.49
C GLY A 44 -10.57 -7.22 11.82
N LYS A 45 -11.37 -7.56 12.84
CA LYS A 45 -12.42 -6.65 13.30
C LYS A 45 -11.85 -5.43 13.98
N THR A 46 -10.62 -5.51 14.48
CA THR A 46 -9.90 -4.37 15.01
C THR A 46 -8.49 -4.41 14.47
N ILE A 47 -7.84 -3.24 14.46
CA ILE A 47 -6.46 -3.10 14.04
C ILE A 47 -5.79 -2.11 14.98
N TRP A 48 -4.49 -2.29 15.20
CA TRP A 48 -3.72 -1.35 16.00
C TRP A 48 -3.14 -0.28 15.07
N VAL A 49 -3.56 0.97 15.23
CA VAL A 49 -3.04 2.08 14.45
C VAL A 49 -2.22 2.93 15.41
N GLU A 50 -0.91 2.84 15.30
CA GLU A 50 -0.01 3.61 16.14
C GLU A 50 -0.37 3.44 17.62
N HIS A 51 -0.54 2.17 18.00
CA HIS A 51 -0.80 1.74 19.38
C HIS A 51 -2.17 2.12 19.89
N LYS A 52 -3.09 2.49 19.01
CA LYS A 52 -4.48 2.73 19.37
C LYS A 52 -5.33 1.66 18.72
N LEU A 53 -6.23 1.06 19.49
CA LEU A 53 -7.12 0.06 18.95
C LEU A 53 -8.23 0.73 18.17
N VAL A 54 -8.39 0.34 16.92
CA VAL A 54 -9.37 0.95 16.02
C VAL A 54 -10.25 -0.16 15.44
N SER A 55 -11.57 0.02 15.52
CA SER A 55 -12.47 -0.95 14.93
C SER A 55 -12.50 -0.81 13.42
N VAL A 56 -12.58 -1.94 12.73
CA VAL A 56 -12.68 -2.01 11.29
C VAL A 56 -14.13 -2.31 10.95
N LEU A 57 -14.79 -1.39 10.23
CA LEU A 57 -16.21 -1.54 9.95
C LEU A 57 -16.47 -2.44 8.74
N ASP A 58 -15.53 -2.51 7.80
N ASP A 58 -15.56 -2.47 7.78
CA ASP A 58 -15.69 -3.26 6.58
CA ASP A 58 -15.69 -3.36 6.65
C ASP A 58 -14.31 -3.51 5.99
C ASP A 58 -14.32 -3.54 6.02
N ALA A 59 -14.17 -4.61 5.26
CA ALA A 59 -12.93 -4.94 4.60
C ALA A 59 -13.27 -5.70 3.34
N VAL A 60 -12.59 -5.37 2.25
CA VAL A 60 -12.79 -6.03 0.96
C VAL A 60 -11.43 -6.37 0.39
N GLU A 61 -11.21 -7.65 0.10
CA GLU A 61 -9.99 -8.13 -0.54
C GLU A 61 -10.18 -8.06 -2.05
N LEU A 62 -9.53 -7.09 -2.70
CA LEU A 62 -9.84 -6.76 -4.08
C LEU A 62 -9.37 -7.84 -5.04
N VAL A 63 -10.17 -8.06 -6.09
CA VAL A 63 -9.83 -8.94 -7.19
C VAL A 63 -10.04 -8.18 -8.50
N ASP A 64 -9.33 -8.62 -9.54
CA ASP A 64 -9.59 -8.07 -10.87
C ASP A 64 -10.82 -8.72 -11.49
N GLU A 65 -11.12 -8.36 -12.74
CA GLU A 65 -12.35 -8.84 -13.35
C GLU A 65 -12.31 -10.34 -13.64
N GLN A 66 -11.13 -10.94 -13.70
CA GLN A 66 -10.99 -12.38 -13.80
C GLN A 66 -11.13 -13.07 -12.45
N GLY A 67 -11.41 -12.31 -11.40
CA GLY A 67 -11.55 -12.86 -10.07
C GLY A 67 -10.26 -13.17 -9.37
N VAL A 68 -9.13 -12.66 -9.86
CA VAL A 68 -7.82 -12.99 -9.30
C VAL A 68 -7.38 -11.91 -8.34
N ASN A 69 -6.83 -12.36 -7.22
CA ASN A 69 -6.25 -11.52 -6.17
C ASN A 69 -5.43 -10.37 -6.72
N LEU A 70 -5.67 -9.18 -6.17
CA LEU A 70 -4.85 -8.00 -6.41
C LEU A 70 -3.92 -7.68 -5.25
N GLU A 71 -4.04 -8.44 -4.15
CA GLU A 71 -3.19 -8.29 -2.97
C GLU A 71 -3.42 -6.96 -2.25
N LEU A 72 -4.61 -6.40 -2.39
CA LEU A 72 -5.00 -5.16 -1.72
C LEU A 72 -6.27 -5.41 -0.95
N THR A 73 -6.33 -4.90 0.28
CA THR A 73 -7.55 -4.93 1.08
C THR A 73 -7.92 -3.49 1.42
N LEU A 74 -9.15 -3.11 1.08
CA LEU A 74 -9.68 -1.81 1.45
C LEU A 74 -10.42 -1.97 2.76
N ILE A 75 -10.17 -1.08 3.70
CA ILE A 75 -10.83 -1.11 5.00
C ILE A 75 -11.46 0.24 5.29
N THR A 76 -12.57 0.21 6.00
CA THR A 76 -13.20 1.42 6.53
C THR A 76 -13.00 1.40 8.03
N LEU A 77 -12.41 2.47 8.56
CA LEU A 77 -12.11 2.56 9.97
C LEU A 77 -13.24 3.25 10.71
N ASP A 78 -13.50 2.78 11.94
CA ASP A 78 -14.51 3.41 12.78
C ASP A 78 -13.85 4.59 13.49
N THR A 79 -13.90 5.75 12.84
CA THR A 79 -13.28 6.95 13.37
C THR A 79 -14.02 8.16 12.81
N ASN A 80 -13.92 9.28 13.53
CA ASN A 80 -14.41 10.55 13.02
C ASN A 80 -13.33 11.34 12.27
N GLU A 81 -12.07 10.90 12.35
CA GLU A 81 -11.02 11.51 11.56
C GLU A 81 -11.24 11.21 10.08
N LYS A 82 -10.86 12.17 9.24
CA LYS A 82 -10.88 11.98 7.79
C LYS A 82 -9.47 12.13 7.26
N PHE A 83 -9.05 11.19 6.42
CA PHE A 83 -7.79 11.33 5.72
C PHE A 83 -7.92 12.40 4.64
N ARG A 84 -6.89 13.23 4.49
CA ARG A 84 -6.88 14.15 3.38
C ARG A 84 -6.97 13.37 2.08
N ASP A 85 -7.88 13.78 1.19
CA ASP A 85 -8.20 13.01 0.01
C ASP A 85 -7.03 13.08 -0.96
N ILE A 86 -6.39 11.94 -1.21
CA ILE A 86 -5.28 11.84 -2.15
C ILE A 86 -5.65 11.10 -3.43
N THR A 87 -6.94 10.90 -3.69
CA THR A 87 -7.29 10.13 -4.89
C THR A 87 -6.81 10.80 -6.17
N LYS A 88 -6.70 12.13 -6.18
CA LYS A 88 -6.20 12.84 -7.36
C LYS A 88 -4.75 12.48 -7.69
N PHE A 89 -4.00 11.96 -6.73
CA PHE A 89 -2.62 11.57 -6.96
C PHE A 89 -2.50 10.13 -7.44
N ILE A 90 -3.59 9.38 -7.44
CA ILE A 90 -3.60 7.99 -7.88
C ILE A 90 -4.01 7.98 -9.35
N PRO A 91 -3.22 7.38 -10.24
CA PRO A 91 -3.53 7.45 -11.66
C PRO A 91 -4.80 6.68 -12.00
N GLU A 92 -5.43 7.06 -13.10
CA GLU A 92 -6.62 6.35 -13.54
C GLU A 92 -6.30 4.95 -14.05
N ASN A 93 -5.08 4.73 -14.56
CA ASN A 93 -4.64 3.43 -15.03
C ASN A 93 -3.40 3.01 -14.23
N ILE A 94 -3.23 1.70 -14.06
CA ILE A 94 -2.00 1.17 -13.47
C ILE A 94 -0.82 1.76 -14.22
N SER A 95 0.15 2.32 -13.50
CA SER A 95 1.18 3.13 -14.10
C SER A 95 2.57 2.72 -13.61
N THR A 96 3.48 2.50 -14.55
CA THR A 96 4.89 2.39 -14.23
C THR A 96 5.42 3.76 -13.82
N ALA A 97 6.65 3.78 -13.29
CA ALA A 97 7.24 5.04 -12.84
C ALA A 97 8.75 4.95 -12.87
N SER A 98 9.42 6.08 -13.01
CA SER A 98 10.87 6.11 -12.91
C SER A 98 11.27 6.67 -11.55
N ASP A 99 12.39 6.16 -11.05
CA ASP A 99 13.08 6.74 -9.90
C ASP A 99 12.12 7.02 -8.74
N ALA A 100 11.45 5.95 -8.30
CA ALA A 100 10.41 6.05 -7.30
C ALA A 100 10.99 6.03 -5.89
N THR A 101 10.20 6.54 -4.95
CA THR A 101 10.49 6.47 -3.53
C THR A 101 9.42 5.63 -2.87
N LEU A 102 9.84 4.55 -2.21
CA LEU A 102 8.96 3.70 -1.43
C LEU A 102 8.91 4.24 0.00
N VAL A 103 7.72 4.61 0.45
CA VAL A 103 7.52 5.29 1.72
C VAL A 103 6.95 4.29 2.72
N ILE A 104 7.73 3.99 3.76
CA ILE A 104 7.41 2.98 4.75
C ILE A 104 7.23 3.67 6.09
N ASN A 105 6.27 3.19 6.88
CA ASN A 105 6.06 3.78 8.21
C ASN A 105 5.49 2.67 9.10
N THR A 106 6.39 1.99 9.82
CA THR A 106 6.01 1.04 10.85
C THR A 106 6.83 1.32 12.09
N GLU A 107 6.48 0.65 13.19
CA GLU A 107 7.25 0.80 14.41
C GLU A 107 8.70 0.35 14.22
N HIS A 108 8.95 -0.60 13.32
CA HIS A 108 10.31 -1.06 13.08
C HIS A 108 11.04 -0.22 12.04
N MET A 109 10.31 0.46 11.18
CA MET A 109 10.88 1.23 10.07
C MET A 109 10.12 2.55 10.02
N PRO A 110 10.41 3.46 10.94
CA PRO A 110 9.62 4.69 11.05
C PRO A 110 10.03 5.71 9.98
N SER A 111 9.03 6.30 9.34
CA SER A 111 9.23 7.47 8.48
C SER A 111 10.35 7.26 7.46
N MET A 112 10.28 6.14 6.77
CA MET A 112 11.38 5.66 5.92
C MET A 112 11.11 6.01 4.46
N PHE A 113 12.14 6.52 3.78
CA PHE A 113 12.09 6.86 2.37
C PHE A 113 13.12 5.99 1.67
N VAL A 114 12.68 5.07 0.81
CA VAL A 114 13.58 4.12 0.18
C VAL A 114 13.62 4.43 -1.32
N PRO A 115 14.75 4.84 -1.86
CA PRO A 115 14.87 4.97 -3.32
C PRO A 115 14.97 3.62 -3.99
N VAL A 116 13.92 3.21 -4.71
CA VAL A 116 13.87 1.88 -5.30
C VAL A 116 14.18 1.87 -6.79
N GLY A 117 14.42 3.02 -7.41
CA GLY A 117 14.62 3.06 -8.84
C GLY A 117 13.31 2.96 -9.60
N ASP A 118 13.42 2.53 -10.85
CA ASP A 118 12.25 2.45 -11.71
C ASP A 118 11.30 1.35 -11.24
N VAL A 119 10.01 1.60 -11.44
CA VAL A 119 8.95 0.66 -11.14
C VAL A 119 8.39 0.21 -12.48
N VAL A 120 8.59 -1.08 -12.81
CA VAL A 120 8.39 -1.57 -14.17
C VAL A 120 7.26 -2.58 -14.19
N GLN A 121 6.65 -2.73 -15.37
CA GLN A 121 5.55 -3.67 -15.52
C GLN A 121 6.00 -5.08 -15.17
N TYR A 122 5.17 -5.79 -14.41
CA TYR A 122 5.38 -7.20 -14.17
C TYR A 122 4.12 -7.97 -14.56
N GLY A 123 3.01 -7.69 -13.88
CA GLY A 123 1.73 -8.30 -14.21
C GLY A 123 1.37 -9.43 -13.28
N PHE A 124 1.28 -10.64 -13.82
N PHE A 124 1.25 -10.64 -13.84
CA PHE A 124 0.91 -11.82 -13.05
CA PHE A 124 0.96 -11.82 -13.04
C PHE A 124 2.12 -12.32 -12.26
C PHE A 124 2.18 -12.17 -12.22
N LEU A 125 2.00 -12.34 -10.93
CA LEU A 125 3.07 -12.71 -10.02
C LEU A 125 2.58 -13.80 -9.09
N ASN A 126 3.42 -14.80 -8.83
CA ASN A 126 3.09 -15.87 -7.91
C ASN A 126 4.09 -15.87 -6.78
N LEU A 127 3.60 -15.71 -5.55
CA LEU A 127 4.42 -15.80 -4.34
C LEU A 127 3.78 -16.81 -3.41
N SER A 128 4.58 -17.70 -2.84
CA SER A 128 4.09 -18.73 -1.94
C SER A 128 2.99 -19.58 -2.58
N GLY A 129 3.02 -19.69 -3.91
CA GLY A 129 2.01 -20.42 -4.65
C GLY A 129 0.73 -19.66 -4.89
N LYS A 130 0.65 -18.40 -4.43
CA LYS A 130 -0.57 -17.62 -4.52
C LYS A 130 -0.45 -16.59 -5.62
N PRO A 131 -1.43 -16.49 -6.52
CA PRO A 131 -1.36 -15.54 -7.61
C PRO A 131 -1.77 -14.14 -7.20
N THR A 132 -1.15 -13.16 -7.86
CA THR A 132 -1.57 -11.77 -7.81
C THR A 132 -1.48 -11.20 -9.23
N HIS A 133 -2.47 -10.40 -9.61
CA HIS A 133 -2.41 -9.67 -10.88
C HIS A 133 -2.04 -8.21 -10.66
N ARG A 134 -1.64 -7.54 -11.76
CA ARG A 134 -1.40 -6.09 -11.79
C ARG A 134 -0.25 -5.66 -10.89
N THR A 135 0.79 -6.49 -10.81
CA THR A 135 1.96 -6.15 -10.03
C THR A 135 3.01 -5.41 -10.88
N MET A 136 3.89 -4.70 -10.18
CA MET A 136 5.06 -4.09 -10.77
C MET A 136 6.27 -4.47 -9.94
N MET A 137 7.46 -4.30 -10.53
CA MET A 137 8.72 -4.72 -9.92
C MET A 137 9.69 -3.55 -9.85
N TYR A 138 10.53 -3.57 -8.82
CA TYR A 138 11.69 -2.68 -8.74
C TYR A 138 12.89 -3.51 -8.35
N ASN A 139 14.05 -3.12 -8.87
CA ASN A 139 15.30 -3.85 -8.59
C ASN A 139 15.94 -3.28 -7.33
N PHE A 140 15.29 -3.57 -6.19
CA PHE A 140 15.75 -3.14 -4.89
C PHE A 140 15.48 -4.26 -3.91
N PRO A 141 16.42 -4.58 -3.03
CA PRO A 141 16.24 -5.71 -2.09
C PRO A 141 15.36 -5.36 -0.90
N THR A 142 14.06 -5.27 -1.16
CA THR A 142 13.10 -5.02 -0.11
C THR A 142 13.04 -6.19 0.86
N LYS A 143 12.48 -5.95 2.04
CA LYS A 143 12.60 -6.86 3.17
C LYS A 143 11.25 -7.06 3.84
N ALA A 144 11.18 -8.13 4.63
CA ALA A 144 10.09 -8.30 5.57
C ALA A 144 9.89 -7.02 6.36
N GLY A 145 8.64 -6.70 6.63
CA GLY A 145 8.30 -5.50 7.37
C GLY A 145 8.01 -4.28 6.52
N GLN A 146 8.23 -4.36 5.21
CA GLN A 146 8.04 -3.22 4.32
C GLN A 146 6.74 -3.27 3.55
N CYS A 147 5.90 -4.27 3.81
CA CYS A 147 4.66 -4.36 3.06
C CYS A 147 3.65 -3.30 3.49
N GLY A 148 2.89 -2.83 2.52
CA GLY A 148 2.08 -1.65 2.69
C GLY A 148 2.80 -0.37 2.34
N GLY A 149 4.13 -0.43 2.18
CA GLY A 149 4.86 0.76 1.79
C GLY A 149 4.33 1.34 0.50
N VAL A 150 4.36 2.66 0.40
CA VAL A 150 3.67 3.39 -0.64
C VAL A 150 4.67 3.80 -1.72
N VAL A 151 4.43 3.35 -2.95
CA VAL A 151 5.33 3.63 -4.06
C VAL A 151 4.93 4.95 -4.70
N THR A 152 5.85 5.93 -4.67
CA THR A 152 5.55 7.28 -5.12
C THR A 152 6.56 7.73 -6.16
N SER A 153 6.12 8.56 -7.10
CA SER A 153 7.00 9.09 -8.13
C SER A 153 6.31 10.24 -8.81
N VAL A 154 7.03 11.36 -8.92
CA VAL A 154 6.57 12.56 -9.61
C VAL A 154 5.14 12.93 -9.24
N GLY A 155 4.89 13.03 -7.94
CA GLY A 155 3.59 13.46 -7.47
C GLY A 155 2.48 12.48 -7.72
N LYS A 156 2.81 11.21 -7.95
CA LYS A 156 1.81 10.16 -8.15
C LYS A 156 2.03 9.05 -7.12
N VAL A 157 0.93 8.42 -6.72
CA VAL A 157 0.93 7.27 -5.83
C VAL A 157 0.52 6.07 -6.68
N VAL A 158 1.47 5.17 -6.95
CA VAL A 158 1.29 4.17 -8.00
C VAL A 158 1.20 2.73 -7.51
N GLY A 159 1.55 2.45 -6.26
CA GLY A 159 1.55 1.05 -5.84
C GLY A 159 1.72 0.93 -4.35
N ILE A 160 1.50 -0.30 -3.88
CA ILE A 160 1.63 -0.69 -2.48
C ILE A 160 2.57 -1.90 -2.45
N HIS A 161 3.63 -1.83 -1.63
CA HIS A 161 4.58 -2.93 -1.57
C HIS A 161 3.96 -4.21 -1.02
N ILE A 162 4.18 -5.34 -1.72
CA ILE A 162 3.59 -6.61 -1.32
C ILE A 162 4.58 -7.77 -1.22
N GLY A 163 5.77 -7.73 -1.82
CA GLY A 163 6.58 -8.93 -1.80
C GLY A 163 7.96 -8.69 -2.36
N GLY A 164 8.78 -9.72 -2.28
CA GLY A 164 10.14 -9.62 -2.77
C GLY A 164 10.85 -10.95 -2.63
N ASN A 165 11.96 -11.07 -3.36
CA ASN A 165 12.67 -12.34 -3.42
C ASN A 165 14.07 -12.25 -2.82
N GLY A 166 14.37 -11.15 -2.11
CA GLY A 166 15.67 -10.92 -1.57
C GLY A 166 16.48 -9.90 -2.35
N ARG A 167 16.21 -9.77 -3.65
CA ARG A 167 16.95 -8.86 -4.52
C ARG A 167 16.05 -7.87 -5.24
N GLN A 168 14.85 -8.30 -5.63
CA GLN A 168 13.85 -7.44 -6.24
C GLN A 168 12.65 -7.32 -5.30
N GLY A 169 11.86 -6.26 -5.54
CA GLY A 169 10.64 -6.05 -4.78
C GLY A 169 9.48 -5.88 -5.74
N PHE A 170 8.27 -6.12 -5.22
CA PHE A 170 7.06 -6.11 -6.03
C PHE A 170 5.96 -5.36 -5.31
N CYS A 171 5.20 -4.58 -6.08
CA CYS A 171 4.04 -3.86 -5.55
C CYS A 171 2.78 -4.26 -6.29
N ALA A 172 1.66 -4.10 -5.59
CA ALA A 172 0.35 -4.11 -6.21
C ALA A 172 0.08 -2.73 -6.78
N GLY A 173 -0.27 -2.65 -8.05
CA GLY A 173 -0.53 -1.34 -8.65
C GLY A 173 -1.81 -0.74 -8.11
N LEU A 174 -1.85 0.59 -8.07
CA LEU A 174 -3.06 1.31 -7.69
C LEU A 174 -3.67 2.02 -8.88
N LYS A 175 -5.00 1.99 -8.98
CA LYS A 175 -5.69 2.88 -9.88
C LYS A 175 -6.84 3.53 -9.14
N ARG A 176 -7.23 4.70 -9.63
CA ARG A 176 -8.12 5.58 -8.89
C ARG A 176 -9.47 4.93 -8.62
N SER A 177 -9.99 4.17 -9.58
CA SER A 177 -11.34 3.63 -9.45
C SER A 177 -11.47 2.60 -8.31
N TYR A 178 -10.37 2.00 -7.86
CA TYR A 178 -10.47 1.11 -6.70
C TYR A 178 -11.09 1.81 -5.51
N PHE A 179 -10.90 3.13 -5.41
CA PHE A 179 -11.26 3.91 -4.24
C PHE A 179 -12.54 4.71 -4.42
N ALA A 180 -13.24 4.50 -5.53
CA ALA A 180 -14.46 5.25 -5.78
C ALA A 180 -15.60 4.74 -4.91
N SER A 181 -16.50 5.64 -4.54
CA SER A 181 -17.70 5.23 -3.83
C SER A 181 -18.85 5.06 -4.82
C02 A1L6N B . 6.81 -12.89 -0.46
C07 A1L6N B . 9.73 -18.05 -1.53
C08 A1L6N B . 10.76 -17.14 -1.81
C09 A1L6N B . 10.55 -15.78 -1.73
C10 A1L6N B . 9.29 -15.35 -1.34
C05 A1L6N B . 8.24 -16.25 -1.02
C06 A1L6N B . 8.48 -17.63 -1.13
C04 A1L6N B . 7.12 -15.46 -0.65
C03 A1L6N B . 7.50 -14.15 -0.74
N11 A1L6N B . 8.82 -14.08 -1.15
O01 A1L6N B . 7.32 -11.80 -0.73
N12 A1L6N B . 5.61 -12.98 0.15
C13 A1L6N B . 4.94 -11.79 0.61
C21 A1L6N B . 5.77 -11.13 1.71
O33 A1L6N B . 6.35 -11.82 2.55
C14 A1L6N B . 3.54 -12.10 1.12
C15 A1L6N B . 2.60 -12.54 0.02
C20 A1L6N B . 2.06 -13.82 0.01
C16 A1L6N B . 2.25 -11.68 -1.01
C19 A1L6N B . 1.19 -14.22 -1.00
C17 A1L6N B . 1.40 -12.08 -2.01
C18 A1L6N B . 0.86 -13.35 -2.01
O30 A1L6N B . 9.89 -7.53 0.04
C29 A1L6N B . 9.97 -8.60 0.65
N28 A1L6N B . 11.08 -9.32 0.83
C27 A1L6N B . 10.84 -10.57 1.54
C26 A1L6N B . 9.53 -10.29 2.26
C25 A1L6N B . 8.82 -9.31 1.34
C24 A1L6N B . 7.80 -8.34 1.96
C23 A1L6N B . 6.61 -9.01 2.62
N22 A1L6N B . 5.82 -9.80 1.69
C31 A1L6N B . 5.67 -8.03 3.34
O32 A1L6N B . 4.89 -8.53 4.18
#